data_3WXC
#
_entry.id   3WXC
#
_cell.length_a   49.994
_cell.length_b   52.795
_cell.length_c   198.384
_cell.angle_alpha   90.00
_cell.angle_beta   90.00
_cell.angle_gamma   90.00
#
_symmetry.space_group_name_H-M   'P 21 21 21'
#
loop_
_entity.id
_entity.type
_entity.pdbx_description
1 polymer Beta-lactamase
2 non-polymer 'ZINC ION'
3 non-polymer '3-(4-hydroxypiperidin-1-yl)benzene-1,2-dicarboxylic acid'
4 water water
#
_entity_poly.entity_id   1
_entity_poly.type   'polypeptide(L)'
_entity_poly.pdbx_seq_one_letter_code
;AESLPDLKIEKLDEGVYVHTSFEEVNGWGVVPKHGLVVLVNAEAYLIDTPFTAKDTEKLVTWFVERGYKIKGSISSHFHS
DSTGGIEWLNSRSIPTYASELTNELLKKDGKVQATNSFSGVNYWLVKNKIEVFYPGPGHTPDNVVVWLPERKILFGGCFI
KPYGLGNLGDANIEAWPKSAKLLKSKYGKAKLVVPSHSEVGDASLLKLTLEQAVKGLNESKK
;
_entity_poly.pdbx_strand_id   A,B
#
loop_
_chem_comp.id
_chem_comp.type
_chem_comp.name
_chem_comp.formula
C93 non-polymer '3-(4-hydroxypiperidin-1-yl)benzene-1,2-dicarboxylic acid' 'C13 H15 N O5'
ZN non-polymer 'ZINC ION' 'Zn 2'
#
# COMPACT_ATOMS: atom_id res chain seq x y z
N LEU A 4 -17.70 -6.96 -41.69
CA LEU A 4 -17.74 -6.05 -40.50
C LEU A 4 -17.45 -4.60 -40.89
N PRO A 5 -18.30 -3.65 -40.43
CA PRO A 5 -18.02 -2.22 -40.67
C PRO A 5 -16.71 -1.77 -40.01
N ASP A 6 -16.06 -0.78 -40.61
CA ASP A 6 -14.79 -0.26 -40.11
C ASP A 6 -14.94 0.47 -38.79
N LEU A 7 -13.82 0.62 -38.07
CA LEU A 7 -13.75 1.48 -36.90
C LEU A 7 -14.20 2.91 -37.27
N LYS A 8 -15.10 3.46 -36.47
CA LYS A 8 -15.67 4.77 -36.73
C LYS A 8 -15.21 5.70 -35.61
N ILE A 9 -14.89 6.94 -35.96
CA ILE A 9 -14.46 7.94 -34.99
C ILE A 9 -15.14 9.25 -35.34
N GLU A 10 -15.95 9.75 -34.41
CA GLU A 10 -16.76 10.95 -34.64
C GLU A 10 -16.55 11.99 -33.57
N LYS A 11 -16.47 13.26 -33.99
CA LYS A 11 -16.49 14.35 -33.04
C LYS A 11 -17.89 14.44 -32.40
N LEU A 12 -17.93 14.28 -31.08
CA LEU A 12 -19.15 14.40 -30.30
C LEU A 12 -19.27 15.82 -29.76
N ASP A 13 -18.15 16.35 -29.31
CA ASP A 13 -18.06 17.68 -28.74
C ASP A 13 -16.60 18.14 -28.77
N GLU A 14 -16.36 19.36 -28.27
CA GLU A 14 -15.00 19.89 -28.18
C GLU A 14 -14.15 19.01 -27.27
N GLY A 15 -13.04 18.50 -27.81
CA GLY A 15 -12.14 17.62 -27.07
C GLY A 15 -12.68 16.24 -26.73
N VAL A 16 -13.82 15.87 -27.30
CA VAL A 16 -14.46 14.58 -27.02
C VAL A 16 -14.90 13.86 -28.30
N TYR A 17 -14.43 12.62 -28.44
CA TYR A 17 -14.72 11.80 -29.61
C TYR A 17 -15.37 10.48 -29.21
N VAL A 18 -16.31 10.02 -30.03
CA VAL A 18 -16.88 8.67 -29.92
C VAL A 18 -16.18 7.72 -30.89
N HIS A 19 -15.64 6.63 -30.36
CA HIS A 19 -15.14 5.58 -31.24
C HIS A 19 -16.12 4.42 -31.26
N THR A 20 -16.33 3.86 -32.45
CA THR A 20 -17.28 2.75 -32.63
C THR A 20 -16.62 1.57 -33.35
N SER A 21 -16.55 0.45 -32.64
CA SER A 21 -16.00 -0.79 -33.18
C SER A 21 -17.10 -1.85 -33.25
N PHE A 22 -16.81 -2.92 -33.99
CA PHE A 22 -17.84 -3.89 -34.36
C PHE A 22 -17.29 -5.30 -34.27
N GLU A 23 -18.08 -6.18 -33.65
CA GLU A 23 -17.74 -7.59 -33.56
C GLU A 23 -18.99 -8.47 -33.54
N GLU A 24 -18.99 -9.49 -34.39
CA GLU A 24 -20.01 -10.51 -34.38
C GLU A 24 -19.93 -11.30 -33.08
N VAL A 25 -21.05 -11.38 -32.36
CA VAL A 25 -21.13 -12.13 -31.10
C VAL A 25 -22.30 -13.11 -31.18
N ASN A 26 -22.05 -14.39 -30.85
CA ASN A 26 -23.08 -15.43 -30.98
C ASN A 26 -24.37 -15.08 -30.24
N GLY A 27 -25.46 -15.04 -30.99
CA GLY A 27 -26.77 -14.72 -30.44
C GLY A 27 -27.04 -13.23 -30.35
N TRP A 28 -26.20 -12.43 -31.02
CA TRP A 28 -26.34 -10.97 -30.99
C TRP A 28 -26.09 -10.35 -32.36
N GLY A 29 -25.49 -11.12 -33.26
CA GLY A 29 -25.11 -10.61 -34.57
C GLY A 29 -23.96 -9.62 -34.47
N VAL A 30 -23.91 -8.67 -35.40
CA VAL A 30 -22.88 -7.64 -35.37
C VAL A 30 -23.19 -6.64 -34.26
N VAL A 31 -22.31 -6.60 -33.27
CA VAL A 31 -22.53 -5.70 -32.14
C VAL A 31 -21.71 -4.43 -32.28
N PRO A 32 -22.39 -3.26 -32.28
CA PRO A 32 -21.65 -2.00 -32.22
C PRO A 32 -21.25 -1.70 -30.78
N LYS A 33 -20.08 -1.11 -30.60
CA LYS A 33 -19.63 -0.71 -29.27
C LYS A 33 -19.03 0.70 -29.30
N HIS A 34 -19.63 1.60 -28.54
CA HIS A 34 -19.14 2.97 -28.41
C HIS A 34 -18.23 3.11 -27.20
N GLY A 35 -17.13 3.83 -27.40
CA GLY A 35 -16.30 4.32 -26.30
C GLY A 35 -15.94 5.76 -26.61
N LEU A 36 -15.01 6.32 -25.84
CA LEU A 36 -14.61 7.72 -26.03
C LEU A 36 -13.09 7.92 -26.16
N VAL A 37 -12.71 8.97 -26.88
CA VAL A 37 -11.37 9.53 -26.73
C VAL A 37 -11.56 10.95 -26.20
N VAL A 38 -10.90 11.25 -25.08
CA VAL A 38 -10.95 12.56 -24.43
C VAL A 38 -9.61 13.30 -24.56
N LEU A 39 -9.65 14.49 -25.13
CA LEU A 39 -8.45 15.29 -25.38
C LEU A 39 -8.18 16.35 -24.29
N VAL A 40 -7.01 16.26 -23.67
CA VAL A 40 -6.58 17.25 -22.68
C VAL A 40 -5.24 17.84 -23.11
N ASN A 41 -5.27 19.12 -23.48
CA ASN A 41 -4.14 19.81 -24.08
C ASN A 41 -3.75 19.10 -25.38
N ALA A 42 -2.59 18.45 -25.40
CA ALA A 42 -2.18 17.64 -26.53
C ALA A 42 -2.03 16.18 -26.11
N GLU A 43 -2.84 15.78 -25.13
CA GLU A 43 -2.85 14.41 -24.62
C GLU A 43 -4.21 13.77 -24.83
N ALA A 44 -4.24 12.44 -24.92
CA ALA A 44 -5.46 11.71 -25.23
C ALA A 44 -5.70 10.55 -24.26
N TYR A 45 -6.95 10.39 -23.85
CA TYR A 45 -7.36 9.31 -22.96
C TYR A 45 -8.44 8.44 -23.59
N LEU A 46 -8.20 7.15 -23.64
CA LEU A 46 -9.16 6.18 -24.16
C LEU A 46 -10.16 5.81 -23.07
N ILE A 47 -11.44 6.05 -23.32
CA ILE A 47 -12.50 5.59 -22.42
C ILE A 47 -13.11 4.34 -23.06
N ASP A 48 -12.72 3.19 -22.53
CA ASP A 48 -12.93 1.86 -23.14
C ASP A 48 -12.08 1.65 -24.40
N THR A 49 -11.51 0.46 -24.51
CA THR A 49 -10.82 0.04 -25.73
C THR A 49 -11.85 -0.54 -26.70
N PRO A 50 -11.54 -0.56 -28.00
CA PRO A 50 -12.37 -1.34 -28.90
C PRO A 50 -12.31 -2.83 -28.59
N PHE A 51 -13.08 -3.62 -29.33
CA PHE A 51 -13.10 -5.07 -29.15
C PHE A 51 -11.72 -5.71 -29.23
N THR A 52 -10.94 -5.28 -30.22
CA THR A 52 -9.69 -5.96 -30.59
C THR A 52 -8.43 -5.09 -30.51
N ALA A 53 -7.28 -5.75 -30.44
CA ALA A 53 -5.99 -5.07 -30.50
C ALA A 53 -5.82 -4.27 -31.81
N LYS A 54 -6.15 -4.89 -32.93
CA LYS A 54 -6.06 -4.23 -34.24
C LYS A 54 -6.77 -2.87 -34.27
N ASP A 55 -8.00 -2.83 -33.76
CA ASP A 55 -8.77 -1.59 -33.72
C ASP A 55 -8.26 -0.60 -32.67
N THR A 56 -7.72 -1.12 -31.57
CA THR A 56 -7.06 -0.29 -30.56
C THR A 56 -5.83 0.41 -31.15
N GLU A 57 -5.06 -0.35 -31.93
CA GLU A 57 -3.90 0.16 -32.66
C GLU A 57 -4.35 1.20 -33.66
N LYS A 58 -5.43 0.88 -34.37
CA LYS A 58 -6.01 1.76 -35.39
C LYS A 58 -6.45 3.09 -34.77
N LEU A 59 -7.04 3.00 -33.57
CA LEU A 59 -7.59 4.17 -32.88
C LEU A 59 -6.46 5.07 -32.38
N VAL A 60 -5.53 4.49 -31.64
CA VAL A 60 -4.35 5.18 -31.15
C VAL A 60 -3.60 5.88 -32.29
N THR A 61 -3.30 5.14 -33.35
CA THR A 61 -2.60 5.67 -34.52
C THR A 61 -3.27 6.91 -35.08
N TRP A 62 -4.60 6.91 -35.08
CA TRP A 62 -5.38 8.03 -35.64
C TRP A 62 -5.13 9.33 -34.89
N PHE A 63 -4.98 9.21 -33.56
CA PHE A 63 -4.74 10.38 -32.72
C PHE A 63 -3.26 10.77 -32.63
N VAL A 64 -2.37 9.77 -32.54
CA VAL A 64 -0.93 10.02 -32.55
C VAL A 64 -0.55 10.74 -33.86
N GLU A 65 -1.12 10.26 -34.96
CA GLU A 65 -0.99 10.85 -36.30
C GLU A 65 -1.49 12.30 -36.37
N ARG A 66 -2.25 12.71 -35.36
CA ARG A 66 -2.74 14.08 -35.24
C ARG A 66 -1.93 14.89 -34.24
N GLY A 67 -0.95 14.24 -33.61
CA GLY A 67 -0.02 14.92 -32.70
C GLY A 67 -0.38 14.79 -31.25
N TYR A 68 -1.27 13.85 -30.93
CA TYR A 68 -1.66 13.60 -29.54
C TYR A 68 -0.86 12.47 -28.92
N LYS A 69 -0.57 12.60 -27.63
CA LYS A 69 0.02 11.49 -26.88
C LYS A 69 -1.10 10.74 -26.16
N ILE A 70 -1.07 9.42 -26.26
CA ILE A 70 -2.01 8.60 -25.49
C ILE A 70 -1.46 8.43 -24.09
N LYS A 71 -2.04 9.17 -23.15
CA LYS A 71 -1.59 9.14 -21.76
C LYS A 71 -2.18 7.95 -20.98
N GLY A 72 -3.26 7.38 -21.48
CA GLY A 72 -3.89 6.24 -20.81
C GLY A 72 -5.23 5.78 -21.37
N SER A 73 -5.64 4.61 -20.92
CA SER A 73 -6.97 4.08 -21.22
C SER A 73 -7.64 3.60 -19.95
N ILE A 74 -8.92 3.91 -19.81
CA ILE A 74 -9.73 3.35 -18.74
C ILE A 74 -10.81 2.42 -19.32
N SER A 75 -10.95 1.25 -18.70
CA SER A 75 -11.97 0.27 -19.08
C SER A 75 -13.14 0.33 -18.09
N SER A 76 -14.36 0.46 -18.61
CA SER A 76 -15.57 0.63 -17.78
C SER A 76 -16.08 -0.65 -17.10
N HIS A 77 -15.73 -1.81 -17.65
CA HIS A 77 -16.07 -3.12 -17.04
C HIS A 77 -15.23 -4.20 -17.69
N PHE A 78 -15.32 -5.44 -17.18
CA PHE A 78 -14.36 -6.48 -17.57
C PHE A 78 -14.56 -7.09 -18.96
N HIS A 79 -15.79 -7.04 -19.49
CA HIS A 79 -16.08 -7.61 -20.81
C HIS A 79 -15.16 -7.02 -21.87
N SER A 80 -14.89 -7.82 -22.90
CA SER A 80 -13.86 -7.50 -23.90
C SER A 80 -14.22 -6.38 -24.87
N ASP A 81 -15.45 -5.90 -24.84
CA ASP A 81 -15.81 -4.71 -25.61
C ASP A 81 -15.35 -3.41 -24.91
N SER A 82 -14.88 -3.58 -23.67
CA SER A 82 -14.24 -2.52 -22.89
C SER A 82 -12.72 -2.72 -22.70
N THR A 83 -12.28 -3.98 -22.69
CA THR A 83 -10.92 -4.36 -22.31
C THR A 83 -10.10 -5.00 -23.45
N GLY A 84 -10.77 -5.35 -24.53
CA GLY A 84 -10.12 -6.03 -25.66
C GLY A 84 -8.70 -5.57 -25.97
N GLY A 85 -8.46 -4.27 -25.87
CA GLY A 85 -7.19 -3.67 -26.27
C GLY A 85 -6.10 -3.55 -25.21
N ILE A 86 -6.40 -3.95 -23.98
CA ILE A 86 -5.46 -3.82 -22.85
C ILE A 86 -4.09 -4.49 -23.10
N GLU A 87 -4.10 -5.74 -23.59
CA GLU A 87 -2.87 -6.44 -23.93
C GLU A 87 -1.94 -5.59 -24.79
N TRP A 88 -2.44 -5.16 -25.95
CA TRP A 88 -1.66 -4.37 -26.90
C TRP A 88 -1.18 -3.04 -26.33
N LEU A 89 -1.99 -2.42 -25.49
CA LEU A 89 -1.62 -1.15 -24.86
C LEU A 89 -0.47 -1.39 -23.88
N ASN A 90 -0.65 -2.37 -23.01
CA ASN A 90 0.40 -2.81 -22.09
C ASN A 90 1.71 -3.12 -22.78
N SER A 91 1.62 -3.83 -23.91
CA SER A 91 2.80 -4.17 -24.72
C SER A 91 3.49 -2.93 -25.28
N ARG A 92 2.74 -1.85 -25.43
CA ARG A 92 3.27 -0.58 -25.94
C ARG A 92 3.54 0.42 -24.81
N SER A 93 3.50 -0.07 -23.56
CA SER A 93 3.75 0.72 -22.35
C SER A 93 2.85 1.97 -22.18
N ILE A 94 1.67 1.93 -22.79
CA ILE A 94 0.66 2.95 -22.56
C ILE A 94 -0.07 2.56 -21.27
N PRO A 95 -0.17 3.49 -20.29
CA PRO A 95 -0.76 3.13 -19.00
C PRO A 95 -2.23 2.71 -19.10
N THR A 96 -2.57 1.57 -18.53
CA THR A 96 -3.95 1.07 -18.56
C THR A 96 -4.58 1.09 -17.17
N TYR A 97 -5.83 1.52 -17.13
CA TYR A 97 -6.58 1.61 -15.88
C TYR A 97 -7.86 0.79 -15.91
N ALA A 98 -8.22 0.28 -14.73
CA ALA A 98 -9.48 -0.41 -14.51
C ALA A 98 -9.66 -0.54 -13.00
N SER A 99 -10.89 -0.79 -12.55
CA SER A 99 -11.14 -0.99 -11.12
C SER A 99 -10.50 -2.30 -10.64
N GLU A 100 -10.34 -2.42 -9.32
CA GLU A 100 -9.83 -3.64 -8.69
C GLU A 100 -10.73 -4.84 -9.02
N LEU A 101 -12.04 -4.63 -8.90
CA LEU A 101 -13.04 -5.63 -9.28
C LEU A 101 -12.89 -6.08 -10.73
N THR A 102 -12.77 -5.10 -11.63
CA THR A 102 -12.53 -5.37 -13.05
C THR A 102 -11.26 -6.19 -13.26
N ASN A 103 -10.17 -5.80 -12.58
CA ASN A 103 -8.91 -6.54 -12.69
C ASN A 103 -9.01 -7.99 -12.22
N GLU A 104 -9.75 -8.19 -11.13
CA GLU A 104 -9.97 -9.51 -10.57
C GLU A 104 -10.78 -10.41 -11.50
N LEU A 105 -11.79 -9.82 -12.13
CA LEU A 105 -12.66 -10.57 -13.04
C LEU A 105 -11.93 -10.93 -14.33
N LEU A 106 -11.07 -10.02 -14.81
CA LEU A 106 -10.19 -10.30 -15.95
C LEU A 106 -9.25 -11.46 -15.62
N LYS A 107 -8.70 -11.44 -14.41
CA LYS A 107 -7.82 -12.52 -13.96
C LYS A 107 -8.55 -13.85 -13.94
N LYS A 108 -9.69 -13.90 -13.24
CA LYS A 108 -10.54 -15.10 -13.18
C LYS A 108 -10.89 -15.63 -14.58
N ASP A 109 -11.15 -14.68 -15.49
CA ASP A 109 -11.48 -14.99 -16.89
C ASP A 109 -10.25 -15.38 -17.73
N GLY A 110 -9.06 -15.34 -17.13
CA GLY A 110 -7.81 -15.65 -17.82
C GLY A 110 -7.46 -14.61 -18.87
N LYS A 111 -7.71 -13.35 -18.55
CA LYS A 111 -7.40 -12.24 -19.45
C LYS A 111 -6.33 -11.37 -18.81
N VAL A 112 -5.55 -10.69 -19.64
CA VAL A 112 -4.54 -9.75 -19.16
C VAL A 112 -5.18 -8.53 -18.47
N GLN A 113 -4.64 -8.17 -17.31
CA GLN A 113 -5.17 -7.10 -16.48
C GLN A 113 -4.59 -5.74 -16.84
N ALA A 114 -5.27 -4.68 -16.40
CA ALA A 114 -4.76 -3.31 -16.53
C ALA A 114 -3.60 -3.10 -15.56
N THR A 115 -2.66 -2.24 -15.94
CA THR A 115 -1.44 -1.99 -15.16
C THR A 115 -1.78 -1.34 -13.81
N ASN A 116 -2.68 -0.37 -13.86
CA ASN A 116 -3.06 0.40 -12.68
C ASN A 116 -4.49 0.12 -12.30
N SER A 117 -4.76 0.09 -11.00
CA SER A 117 -6.12 -0.10 -10.53
C SER A 117 -6.53 0.95 -9.51
N PHE A 118 -7.78 0.90 -9.11
CA PHE A 118 -8.36 1.81 -8.13
C PHE A 118 -9.60 1.12 -7.57
N SER A 119 -10.12 1.67 -6.47
CA SER A 119 -11.33 1.14 -5.85
C SER A 119 -12.09 2.26 -5.14
N GLY A 120 -13.25 1.92 -4.59
CA GLY A 120 -14.13 2.90 -3.97
C GLY A 120 -15.15 3.44 -4.96
N VAL A 121 -15.81 4.54 -4.57
CA VAL A 121 -16.95 5.05 -5.29
C VAL A 121 -16.52 6.08 -6.34
N ASN A 122 -15.75 7.08 -5.90
CA ASN A 122 -15.26 8.13 -6.80
C ASN A 122 -13.75 8.04 -7.00
N TYR A 123 -13.32 8.22 -8.25
CA TYR A 123 -11.91 8.24 -8.58
C TYR A 123 -11.65 9.27 -9.68
N TRP A 124 -10.59 10.05 -9.52
CA TRP A 124 -10.17 10.96 -10.57
C TRP A 124 -9.09 10.31 -11.41
N LEU A 125 -9.32 10.21 -12.70
CA LEU A 125 -8.28 9.77 -13.62
C LEU A 125 -7.40 10.98 -13.96
N VAL A 126 -8.06 12.11 -14.24
CA VAL A 126 -7.40 13.40 -14.36
C VAL A 126 -8.22 14.35 -13.50
N LYS A 127 -7.57 14.93 -12.49
CA LYS A 127 -8.26 15.84 -11.56
C LYS A 127 -9.09 16.88 -12.28
N ASN A 128 -10.35 17.00 -11.87
CA ASN A 128 -11.31 17.97 -12.42
C ASN A 128 -11.60 17.87 -13.93
N LYS A 129 -11.16 16.78 -14.57
CA LYS A 129 -11.39 16.60 -16.00
C LYS A 129 -12.05 15.26 -16.35
N ILE A 130 -11.59 14.17 -15.72
CA ILE A 130 -12.13 12.84 -15.97
C ILE A 130 -12.33 12.08 -14.66
N GLU A 131 -13.60 11.93 -14.28
CA GLU A 131 -13.99 11.26 -13.03
C GLU A 131 -14.58 9.89 -13.32
N VAL A 132 -14.29 8.94 -12.44
CA VAL A 132 -14.84 7.60 -12.52
C VAL A 132 -15.73 7.35 -11.32
N PHE A 133 -16.89 6.73 -11.56
CA PHE A 133 -17.88 6.50 -10.52
C PHE A 133 -18.46 5.09 -10.63
N TYR A 134 -18.48 4.39 -9.50
CA TYR A 134 -19.02 3.04 -9.42
C TYR A 134 -20.38 3.08 -8.75
N PRO A 135 -21.47 2.91 -9.52
CA PRO A 135 -22.84 3.00 -8.99
C PRO A 135 -23.32 1.74 -8.26
N GLY A 136 -22.55 0.65 -8.32
CA GLY A 136 -22.98 -0.64 -7.80
C GLY A 136 -23.18 -1.63 -8.94
N PRO A 137 -23.44 -2.91 -8.62
CA PRO A 137 -23.56 -3.90 -9.70
C PRO A 137 -24.79 -3.67 -10.58
N GLY A 138 -24.74 -4.18 -11.80
CA GLY A 138 -25.83 -4.00 -12.74
C GLY A 138 -25.62 -4.94 -13.90
N HIS A 139 -25.22 -4.37 -15.04
CA HIS A 139 -24.85 -5.15 -16.21
C HIS A 139 -23.77 -6.17 -15.86
N THR A 140 -22.77 -5.72 -15.09
CA THR A 140 -21.76 -6.60 -14.49
C THR A 140 -21.50 -6.16 -13.05
N PRO A 141 -20.88 -7.04 -12.23
CA PRO A 141 -20.54 -6.69 -10.84
C PRO A 141 -19.70 -5.42 -10.72
N ASP A 142 -18.89 -5.14 -11.75
CA ASP A 142 -17.83 -4.13 -11.72
C ASP A 142 -18.09 -2.84 -12.51
N ASN A 143 -19.20 -2.78 -13.24
CA ASN A 143 -19.44 -1.64 -14.14
C ASN A 143 -19.29 -0.25 -13.51
N VAL A 144 -18.49 0.60 -14.16
CA VAL A 144 -18.28 1.98 -13.72
C VAL A 144 -18.63 2.96 -14.84
N VAL A 145 -18.93 4.19 -14.47
CA VAL A 145 -19.20 5.25 -15.45
C VAL A 145 -18.07 6.29 -15.46
N VAL A 146 -17.98 7.05 -16.54
CA VAL A 146 -16.97 8.10 -16.65
C VAL A 146 -17.64 9.45 -16.91
N TRP A 147 -17.33 10.41 -16.03
CA TRP A 147 -17.94 11.73 -16.05
C TRP A 147 -16.95 12.79 -16.53
N LEU A 148 -17.40 13.65 -17.44
CA LEU A 148 -16.57 14.74 -17.96
C LEU A 148 -17.19 16.08 -17.56
N PRO A 149 -16.68 16.69 -16.48
CA PRO A 149 -17.31 17.86 -15.85
C PRO A 149 -17.47 19.07 -16.75
N GLU A 150 -16.45 19.43 -17.54
CA GLU A 150 -16.52 20.66 -18.35
C GLU A 150 -17.64 20.64 -19.37
N ARG A 151 -17.81 19.49 -20.03
CA ARG A 151 -18.81 19.40 -21.07
C ARG A 151 -20.14 18.82 -20.63
N LYS A 152 -20.16 18.27 -19.42
CA LYS A 152 -21.33 17.59 -18.85
C LYS A 152 -21.69 16.33 -19.66
N ILE A 153 -20.68 15.55 -20.00
CA ILE A 153 -20.86 14.32 -20.74
C ILE A 153 -20.60 13.12 -19.84
N LEU A 154 -21.54 12.17 -19.83
CA LEU A 154 -21.37 10.94 -19.06
C LEU A 154 -21.28 9.76 -20.01
N PHE A 155 -20.22 8.98 -19.85
CA PHE A 155 -20.10 7.70 -20.54
C PHE A 155 -20.65 6.63 -19.61
N GLY A 156 -21.78 6.05 -19.97
CA GLY A 156 -22.45 5.08 -19.12
C GLY A 156 -21.99 3.65 -19.34
N GLY A 157 -21.31 3.44 -20.45
CA GLY A 157 -20.86 2.10 -20.82
C GLY A 157 -22.03 1.18 -21.02
N CYS A 158 -21.86 -0.06 -20.61
CA CYS A 158 -22.85 -1.11 -20.82
C CYS A 158 -23.89 -1.15 -19.71
N PHE A 159 -23.77 -0.21 -18.77
CA PHE A 159 -24.75 -0.02 -17.71
C PHE A 159 -25.95 0.75 -18.24
N ILE A 160 -25.70 1.72 -19.13
CA ILE A 160 -26.78 2.49 -19.74
C ILE A 160 -27.48 1.68 -20.84
N LYS A 161 -28.71 1.27 -20.55
CA LYS A 161 -29.49 0.37 -21.38
C LYS A 161 -30.93 0.86 -21.51
N PRO A 162 -31.16 1.89 -22.33
CA PRO A 162 -32.47 2.57 -22.30
C PRO A 162 -33.66 1.79 -22.87
N TYR A 163 -33.43 0.77 -23.70
CA TYR A 163 -34.52 0.10 -24.42
C TYR A 163 -34.58 -1.41 -24.22
N GLY A 164 -33.71 -1.92 -23.34
CA GLY A 164 -33.54 -3.35 -23.12
C GLY A 164 -32.20 -3.59 -22.47
N LEU A 165 -32.12 -4.59 -21.60
CA LEU A 165 -30.92 -4.75 -20.76
C LEU A 165 -29.73 -5.41 -21.47
N GLY A 166 -30.00 -6.01 -22.63
CA GLY A 166 -29.01 -6.74 -23.40
C GLY A 166 -28.51 -8.00 -22.70
N ASN A 167 -27.23 -8.29 -22.88
CA ASN A 167 -26.59 -9.48 -22.33
C ASN A 167 -26.57 -9.55 -20.80
N LEU A 168 -27.32 -10.50 -20.25
CA LEU A 168 -27.52 -10.63 -18.81
C LEU A 168 -26.62 -11.71 -18.20
N GLY A 169 -25.72 -12.27 -19.01
CA GLY A 169 -24.84 -13.37 -18.58
C GLY A 169 -24.09 -13.15 -17.27
N ASP A 170 -23.67 -11.92 -17.02
CA ASP A 170 -22.93 -11.58 -15.81
C ASP A 170 -23.63 -10.47 -15.03
N ALA A 171 -24.93 -10.35 -15.24
CA ALA A 171 -25.71 -9.28 -14.63
C ALA A 171 -26.19 -9.59 -13.21
N ASN A 172 -26.36 -8.53 -12.44
CA ASN A 172 -26.95 -8.62 -11.11
C ASN A 172 -28.27 -7.89 -11.12
N ILE A 173 -29.31 -8.61 -11.56
CA ILE A 173 -30.64 -8.05 -11.75
C ILE A 173 -31.22 -7.55 -10.43
N GLU A 174 -30.85 -8.24 -9.35
CA GLU A 174 -31.25 -7.86 -8.00
C GLU A 174 -30.77 -6.46 -7.63
N ALA A 175 -29.52 -6.13 -7.98
CA ALA A 175 -28.91 -4.87 -7.56
C ALA A 175 -29.07 -3.72 -8.56
N TRP A 176 -29.28 -4.07 -9.83
CA TRP A 176 -29.30 -3.09 -10.92
C TRP A 176 -30.26 -1.91 -10.69
N PRO A 177 -31.48 -2.16 -10.18
CA PRO A 177 -32.34 -0.98 -9.98
C PRO A 177 -31.79 0.01 -8.95
N LYS A 178 -31.28 -0.52 -7.83
CA LYS A 178 -30.66 0.34 -6.82
C LYS A 178 -29.46 1.10 -7.39
N SER A 179 -28.58 0.39 -8.09
CA SER A 179 -27.43 1.00 -8.76
C SER A 179 -27.87 2.09 -9.74
N ALA A 180 -28.95 1.82 -10.48
CA ALA A 180 -29.46 2.75 -11.50
C ALA A 180 -30.12 3.97 -10.90
N LYS A 181 -30.61 3.82 -9.67
CA LYS A 181 -31.22 4.93 -8.93
C LYS A 181 -30.13 5.91 -8.48
N LEU A 182 -29.07 5.35 -7.88
CA LEU A 182 -27.92 6.14 -7.44
C LEU A 182 -27.27 6.89 -8.60
N LEU A 183 -27.26 6.27 -9.79
CA LEU A 183 -26.71 6.92 -11.00
C LEU A 183 -27.59 8.05 -11.51
N LYS A 184 -28.91 7.87 -11.38
CA LYS A 184 -29.86 8.91 -11.77
C LYS A 184 -29.79 10.14 -10.85
N SER A 185 -29.70 9.90 -9.54
CA SER A 185 -29.60 10.98 -8.56
C SER A 185 -28.39 11.88 -8.84
N LYS A 186 -27.21 11.26 -8.95
CA LYS A 186 -25.94 11.98 -9.07
C LYS A 186 -25.75 12.69 -10.42
N TYR A 187 -26.22 12.08 -11.49
CA TYR A 187 -25.90 12.60 -12.82
C TYR A 187 -27.07 13.18 -13.63
N GLY A 188 -28.17 13.49 -12.95
CA GLY A 188 -29.36 14.08 -13.58
C GLY A 188 -29.09 15.35 -14.37
N LYS A 189 -27.95 15.98 -14.11
CA LYS A 189 -27.56 17.25 -14.72
C LYS A 189 -26.74 17.07 -16.01
N ALA A 190 -26.53 15.82 -16.41
CA ALA A 190 -25.79 15.50 -17.64
C ALA A 190 -26.46 16.08 -18.87
N LYS A 191 -25.65 16.65 -19.77
CA LYS A 191 -26.14 17.14 -21.06
C LYS A 191 -26.25 15.96 -22.04
N LEU A 192 -25.21 15.15 -22.09
CA LEU A 192 -25.11 14.02 -23.01
C LEU A 192 -24.79 12.75 -22.25
N VAL A 193 -25.49 11.66 -22.59
CA VAL A 193 -25.22 10.34 -22.01
C VAL A 193 -24.87 9.35 -23.12
N VAL A 194 -23.71 8.71 -22.97
CA VAL A 194 -23.17 7.85 -24.00
C VAL A 194 -23.23 6.39 -23.55
N PRO A 195 -24.17 5.60 -24.13
CA PRO A 195 -24.27 4.17 -23.86
C PRO A 195 -23.30 3.40 -24.75
N SER A 196 -22.90 2.21 -24.31
CA SER A 196 -22.07 1.33 -25.11
C SER A 196 -22.73 0.85 -26.39
N HIS A 197 -24.00 0.44 -26.31
CA HIS A 197 -24.63 -0.27 -27.42
C HIS A 197 -25.84 0.43 -28.07
N SER A 198 -26.18 1.63 -27.63
CA SER A 198 -27.17 2.43 -28.33
C SER A 198 -26.68 3.87 -28.49
N GLU A 199 -27.45 4.70 -29.18
CA GLU A 199 -26.99 6.04 -29.54
C GLU A 199 -26.97 7.03 -28.38
N VAL A 200 -26.18 8.08 -28.55
CA VAL A 200 -26.07 9.18 -27.62
C VAL A 200 -27.44 9.82 -27.36
N GLY A 201 -27.76 10.00 -26.08
CA GLY A 201 -28.98 10.71 -25.68
C GLY A 201 -28.71 11.73 -24.59
N ASP A 202 -29.78 12.39 -24.13
CA ASP A 202 -29.66 13.32 -23.01
C ASP A 202 -29.82 12.58 -21.70
N ALA A 203 -30.08 13.34 -20.63
CA ALA A 203 -30.25 12.81 -19.29
C ALA A 203 -31.42 11.82 -19.17
N SER A 204 -32.35 11.85 -20.11
CA SER A 204 -33.49 10.92 -20.09
C SER A 204 -33.05 9.45 -20.05
N LEU A 205 -31.97 9.13 -20.77
CA LEU A 205 -31.40 7.78 -20.80
C LEU A 205 -31.15 7.17 -19.41
N LEU A 206 -30.91 8.02 -18.41
CA LEU A 206 -30.77 7.58 -17.03
C LEU A 206 -32.09 7.02 -16.48
N LYS A 207 -33.16 7.78 -16.65
CA LYS A 207 -34.51 7.37 -16.27
C LYS A 207 -34.91 6.06 -16.97
N LEU A 208 -34.69 6.00 -18.28
CA LEU A 208 -35.05 4.84 -19.08
C LEU A 208 -34.31 3.59 -18.63
N THR A 209 -33.04 3.76 -18.26
CA THR A 209 -32.22 2.67 -17.73
C THR A 209 -32.82 2.12 -16.42
N LEU A 210 -33.23 3.03 -15.54
CA LEU A 210 -33.86 2.66 -14.28
C LEU A 210 -35.14 1.84 -14.51
N GLU A 211 -36.00 2.31 -15.41
CA GLU A 211 -37.25 1.60 -15.76
C GLU A 211 -36.97 0.20 -16.28
N GLN A 212 -35.98 0.08 -17.16
CA GLN A 212 -35.59 -1.22 -17.73
C GLN A 212 -35.04 -2.17 -16.67
N ALA A 213 -34.26 -1.64 -15.72
CA ALA A 213 -33.72 -2.43 -14.62
C ALA A 213 -34.86 -2.97 -13.74
N VAL A 214 -35.75 -2.06 -13.33
CA VAL A 214 -36.95 -2.40 -12.56
C VAL A 214 -37.79 -3.48 -13.27
N LYS A 215 -38.06 -3.24 -14.56
CA LYS A 215 -38.81 -4.18 -15.42
C LYS A 215 -38.13 -5.55 -15.51
N GLY A 216 -36.80 -5.55 -15.65
CA GLY A 216 -36.03 -6.80 -15.72
C GLY A 216 -36.08 -7.61 -14.44
N LEU A 217 -36.08 -6.91 -13.30
CA LEU A 217 -36.22 -7.57 -12.00
C LEU A 217 -37.60 -8.21 -11.86
N ASN A 218 -38.66 -7.42 -12.09
CA ASN A 218 -40.04 -7.94 -12.03
C ASN A 218 -40.21 -9.25 -12.79
N GLU A 219 -39.59 -9.32 -13.97
CA GLU A 219 -39.71 -10.48 -14.86
C GLU A 219 -39.04 -11.75 -14.34
N SER A 220 -37.92 -11.60 -13.63
CA SER A 220 -37.19 -12.76 -13.06
C SER A 220 -37.96 -13.46 -11.93
N LEU B 4 7.98 12.03 5.86
CA LEU B 4 8.48 11.29 7.07
C LEU B 4 7.79 11.75 8.35
N PRO B 5 7.16 10.82 9.08
CA PRO B 5 6.54 11.18 10.35
C PRO B 5 7.57 11.64 11.38
N ASP B 6 7.15 12.48 12.33
CA ASP B 6 8.01 13.01 13.39
C ASP B 6 8.32 11.97 14.45
N LEU B 7 9.43 12.19 15.17
CA LEU B 7 9.78 11.41 16.35
C LEU B 7 8.62 11.41 17.35
N LYS B 8 8.30 10.24 17.88
CA LYS B 8 7.29 10.11 18.90
C LYS B 8 7.91 9.62 20.20
N ILE B 9 7.43 10.15 21.32
CA ILE B 9 7.80 9.70 22.65
C ILE B 9 6.51 9.47 23.44
N GLU B 10 6.29 8.23 23.86
CA GLU B 10 5.07 7.86 24.59
C GLU B 10 5.43 7.07 25.83
N LYS B 11 4.87 7.46 26.96
CA LYS B 11 5.04 6.72 28.20
C LYS B 11 4.43 5.33 28.10
N LEU B 12 5.26 4.32 28.37
CA LEU B 12 4.79 2.93 28.35
C LEU B 12 4.45 2.45 29.74
N ASP B 13 5.27 2.84 30.73
CA ASP B 13 5.07 2.46 32.12
C ASP B 13 5.81 3.47 33.00
N GLU B 14 5.73 3.33 34.32
CA GLU B 14 6.48 4.21 35.24
C GLU B 14 7.98 4.15 34.94
N GLY B 15 8.53 5.29 34.51
CA GLY B 15 9.95 5.41 34.21
C GLY B 15 10.40 4.77 32.91
N VAL B 16 9.46 4.41 32.05
CA VAL B 16 9.79 3.80 30.75
C VAL B 16 9.00 4.49 29.65
N TYR B 17 9.72 4.93 28.63
CA TYR B 17 9.11 5.59 27.47
C TYR B 17 9.49 4.85 26.20
N VAL B 18 8.57 4.77 25.26
CA VAL B 18 8.88 4.24 23.94
C VAL B 18 9.13 5.43 23.02
N HIS B 19 10.29 5.46 22.38
CA HIS B 19 10.53 6.43 21.31
C HIS B 19 10.46 5.74 19.96
N THR B 20 9.80 6.39 19.01
CA THR B 20 9.64 5.85 17.66
C THR B 20 10.14 6.87 16.64
N SER B 21 11.09 6.44 15.83
CA SER B 21 11.63 7.28 14.76
C SER B 21 11.37 6.58 13.43
N PHE B 22 11.50 7.32 12.34
CA PHE B 22 11.11 6.85 11.01
C PHE B 22 12.17 7.20 9.95
N GLU B 23 12.44 6.24 9.07
CA GLU B 23 13.38 6.43 7.96
C GLU B 23 12.94 5.65 6.73
N GLU B 24 13.03 6.30 5.57
CA GLU B 24 12.90 5.61 4.31
C GLU B 24 14.11 4.69 4.13
N VAL B 25 13.83 3.39 3.98
CA VAL B 25 14.88 2.39 3.76
C VAL B 25 14.60 1.69 2.43
N ASN B 26 15.58 1.70 1.53
CA ASN B 26 15.40 1.10 0.21
C ASN B 26 15.01 -0.37 0.29
N GLY B 27 13.95 -0.72 -0.43
CA GLY B 27 13.41 -2.07 -0.42
C GLY B 27 12.39 -2.28 0.68
N TRP B 28 12.28 -1.30 1.59
CA TRP B 28 11.41 -1.46 2.76
C TRP B 28 10.37 -0.36 2.96
N GLY B 29 10.51 0.75 2.25
CA GLY B 29 9.59 1.88 2.41
C GLY B 29 9.89 2.62 3.71
N VAL B 30 8.88 3.29 4.26
CA VAL B 30 9.05 4.02 5.52
C VAL B 30 9.01 3.04 6.69
N VAL B 31 10.12 2.93 7.41
CA VAL B 31 10.28 1.97 8.51
C VAL B 31 10.18 2.69 9.87
N PRO B 32 9.13 2.37 10.67
CA PRO B 32 9.12 2.81 12.06
C PRO B 32 10.11 1.97 12.90
N LYS B 33 10.71 2.58 13.90
CA LYS B 33 11.64 1.89 14.78
C LYS B 33 11.41 2.34 16.21
N HIS B 34 11.09 1.38 17.08
CA HIS B 34 10.88 1.62 18.50
C HIS B 34 12.15 1.32 19.28
N GLY B 35 12.46 2.21 20.21
CA GLY B 35 13.51 1.98 21.22
C GLY B 35 12.95 2.55 22.49
N LEU B 36 13.71 2.48 23.58
CA LEU B 36 13.23 2.94 24.88
C LEU B 36 14.05 4.10 25.44
N VAL B 37 13.45 4.85 26.36
CA VAL B 37 14.19 5.67 27.31
C VAL B 37 13.76 5.23 28.70
N VAL B 38 14.75 4.95 29.56
CA VAL B 38 14.48 4.47 30.92
C VAL B 38 14.98 5.45 31.99
N LEU B 39 14.08 5.82 32.89
CA LEU B 39 14.43 6.73 33.97
C LEU B 39 14.87 6.01 35.24
N VAL B 40 16.10 6.30 35.67
CA VAL B 40 16.58 5.84 36.96
C VAL B 40 16.89 7.10 37.76
N ASN B 41 15.98 7.42 38.68
CA ASN B 41 16.06 8.63 39.50
C ASN B 41 16.00 9.91 38.66
N ALA B 42 16.98 10.79 38.79
CA ALA B 42 17.02 12.01 37.99
C ALA B 42 17.82 11.81 36.69
N GLU B 43 17.96 10.57 36.26
CA GLU B 43 18.80 10.23 35.10
C GLU B 43 18.05 9.41 34.04
N ALA B 44 18.50 9.50 32.80
CA ALA B 44 17.87 8.79 31.69
C ALA B 44 18.87 7.94 30.92
N TYR B 45 18.38 6.83 30.38
CA TYR B 45 19.19 5.95 29.55
C TYR B 45 18.48 5.69 28.22
N LEU B 46 19.20 5.85 27.12
CA LEU B 46 18.63 5.52 25.83
C LEU B 46 18.82 4.03 25.62
N ILE B 47 17.76 3.35 25.23
CA ILE B 47 17.87 1.96 24.82
C ILE B 47 17.63 1.99 23.33
N ASP B 48 18.73 1.86 22.58
CA ASP B 48 18.78 2.16 21.14
C ASP B 48 18.62 3.65 20.84
N THR B 49 19.41 4.14 19.89
CA THR B 49 19.25 5.48 19.34
C THR B 49 18.26 5.43 18.17
N PRO B 50 17.59 6.57 17.89
CA PRO B 50 16.94 6.73 16.61
C PRO B 50 17.91 6.53 15.43
N PHE B 51 17.36 6.51 14.22
CA PHE B 51 18.15 6.43 12.99
C PHE B 51 19.20 7.53 12.86
N THR B 52 18.79 8.76 13.16
CA THR B 52 19.60 9.95 12.82
C THR B 52 20.14 10.67 14.05
N ALA B 53 21.20 11.46 13.83
CA ALA B 53 21.74 12.38 14.83
C ALA B 53 20.68 13.40 15.26
N LYS B 54 19.96 13.96 14.30
CA LYS B 54 18.92 14.96 14.56
C LYS B 54 17.82 14.45 15.48
N ASP B 55 17.35 13.23 15.24
CA ASP B 55 16.38 12.58 16.12
C ASP B 55 16.95 12.18 17.48
N THR B 56 18.22 11.76 17.51
CA THR B 56 18.90 11.44 18.76
C THR B 56 18.97 12.70 19.63
N GLU B 57 19.35 13.81 18.99
CA GLU B 57 19.43 15.08 19.70
C GLU B 57 18.07 15.53 20.24
N LYS B 58 17.02 15.42 19.42
CA LYS B 58 15.66 15.76 19.85
C LYS B 58 15.29 14.98 21.09
N LEU B 59 15.54 13.69 21.04
CA LEU B 59 15.25 12.77 22.12
C LEU B 59 15.96 13.16 23.42
N VAL B 60 17.25 13.47 23.31
CA VAL B 60 18.04 13.91 24.45
C VAL B 60 17.49 15.23 25.01
N THR B 61 17.33 16.20 24.13
CA THR B 61 16.80 17.52 24.50
C THR B 61 15.44 17.45 25.22
N TRP B 62 14.54 16.58 24.74
CA TRP B 62 13.23 16.41 25.32
C TRP B 62 13.31 15.98 26.79
N PHE B 63 14.26 15.10 27.11
CA PHE B 63 14.40 14.58 28.46
C PHE B 63 15.23 15.47 29.40
N VAL B 64 16.25 16.13 28.84
CA VAL B 64 16.99 17.15 29.58
C VAL B 64 16.01 18.21 30.13
N GLU B 65 15.23 18.83 29.24
CA GLU B 65 14.24 19.84 29.61
C GLU B 65 13.19 19.34 30.62
N ARG B 66 13.09 18.03 30.79
CA ARG B 66 12.18 17.47 31.78
C ARG B 66 12.85 17.15 33.12
N GLY B 67 14.16 17.37 33.21
CA GLY B 67 14.88 17.23 34.49
C GLY B 67 15.84 16.06 34.57
N TYR B 68 16.13 15.43 33.45
CA TYR B 68 16.99 14.25 33.45
C TYR B 68 18.31 14.49 32.73
N LYS B 69 19.39 14.04 33.35
CA LYS B 69 20.68 14.02 32.68
C LYS B 69 20.72 12.71 31.91
N ILE B 70 21.19 12.77 30.68
CA ILE B 70 21.33 11.56 29.88
C ILE B 70 22.64 10.87 30.31
N LYS B 71 22.51 9.77 31.04
CA LYS B 71 23.67 9.11 31.62
C LYS B 71 24.31 8.10 30.66
N GLY B 72 23.55 7.64 29.67
CA GLY B 72 24.11 6.70 28.71
C GLY B 72 23.14 6.15 27.69
N SER B 73 23.72 5.54 26.66
CA SER B 73 23.02 4.91 25.56
C SER B 73 23.54 3.49 25.39
N ILE B 74 22.62 2.54 25.18
CA ILE B 74 23.02 1.20 24.80
C ILE B 74 22.35 0.82 23.49
N SER B 75 23.13 0.26 22.58
CA SER B 75 22.62 -0.20 21.30
C SER B 75 22.51 -1.74 21.26
N SER B 76 21.33 -2.22 20.88
CA SER B 76 20.99 -3.63 20.90
C SER B 76 21.61 -4.45 19.76
N HIS B 77 21.95 -3.79 18.66
CA HIS B 77 22.65 -4.42 17.54
C HIS B 77 23.28 -3.38 16.62
N PHE B 78 24.09 -3.82 15.67
CA PHE B 78 24.97 -2.86 14.99
C PHE B 78 24.25 -2.00 13.96
N HIS B 79 23.07 -2.42 13.50
CA HIS B 79 22.35 -1.73 12.42
C HIS B 79 22.03 -0.30 12.81
N SER B 80 21.96 0.57 11.80
CA SER B 80 21.85 2.01 12.05
C SER B 80 20.57 2.41 12.81
N ASP B 81 19.58 1.52 12.84
CA ASP B 81 18.33 1.79 13.55
C ASP B 81 18.47 1.64 15.07
N SER B 82 19.63 1.13 15.49
CA SER B 82 20.00 1.05 16.88
C SER B 82 21.18 1.96 17.21
N THR B 83 22.00 2.26 16.21
CA THR B 83 23.31 2.89 16.42
C THR B 83 23.50 4.25 15.71
N GLY B 84 22.54 4.67 14.88
CA GLY B 84 22.71 5.86 14.03
C GLY B 84 23.09 7.13 14.77
N GLY B 85 22.70 7.22 16.04
CA GLY B 85 23.04 8.37 16.85
C GLY B 85 24.29 8.25 17.72
N ILE B 86 25.05 7.16 17.56
CA ILE B 86 26.24 6.95 18.40
C ILE B 86 27.31 8.04 18.18
N GLU B 87 27.51 8.41 16.92
CA GLU B 87 28.52 9.43 16.58
C GLU B 87 28.22 10.75 17.28
N TRP B 88 26.96 11.18 17.24
CA TRP B 88 26.53 12.42 17.87
C TRP B 88 26.73 12.37 19.38
N LEU B 89 26.24 11.30 20.00
CA LEU B 89 26.37 11.12 21.44
C LEU B 89 27.82 11.19 21.89
N ASN B 90 28.72 10.52 21.15
CA ASN B 90 30.14 10.54 21.49
C ASN B 90 30.74 11.94 21.38
N SER B 91 30.24 12.73 20.43
CA SER B 91 30.74 14.09 20.22
C SER B 91 30.34 14.99 21.40
N ARG B 92 29.32 14.58 22.14
CA ARG B 92 28.80 15.30 23.31
C ARG B 92 29.27 14.69 24.64
N SER B 93 30.22 13.76 24.55
CA SER B 93 30.67 12.96 25.70
C SER B 93 29.53 12.29 26.47
N ILE B 94 28.48 11.87 25.77
CA ILE B 94 27.43 11.06 26.40
C ILE B 94 27.82 9.58 26.25
N PRO B 95 28.09 8.89 27.38
CA PRO B 95 28.56 7.50 27.33
C PRO B 95 27.70 6.59 26.47
N THR B 96 28.30 6.00 25.44
CA THR B 96 27.63 4.97 24.64
C THR B 96 28.11 3.59 25.02
N TYR B 97 27.25 2.60 24.83
CA TYR B 97 27.52 1.22 25.19
C TYR B 97 27.05 0.28 24.08
N ALA B 98 27.89 -0.70 23.78
CA ALA B 98 27.56 -1.77 22.84
C ALA B 98 28.47 -2.97 23.08
N SER B 99 27.98 -4.16 22.75
CA SER B 99 28.77 -5.39 22.96
C SER B 99 30.03 -5.37 22.10
N GLU B 100 30.97 -6.26 22.45
CA GLU B 100 32.21 -6.39 21.71
C GLU B 100 31.96 -6.84 20.29
N LEU B 101 31.02 -7.77 20.14
CA LEU B 101 30.57 -8.21 18.82
C LEU B 101 29.94 -7.06 18.02
N THR B 102 29.14 -6.23 18.67
CA THR B 102 28.49 -5.08 18.01
C THR B 102 29.53 -4.06 17.52
N ASN B 103 30.47 -3.69 18.39
CA ASN B 103 31.55 -2.77 18.03
C ASN B 103 32.43 -3.26 16.90
N GLU B 104 32.73 -4.56 16.89
CA GLU B 104 33.52 -5.15 15.82
C GLU B 104 32.79 -5.04 14.49
N LEU B 105 31.49 -5.34 14.52
CA LEU B 105 30.64 -5.18 13.34
C LEU B 105 30.53 -3.72 12.87
N LEU B 106 30.44 -2.78 13.81
CA LEU B 106 30.52 -1.34 13.47
C LEU B 106 31.85 -0.98 12.77
N LYS B 107 32.97 -1.41 13.34
CA LYS B 107 34.30 -1.14 12.75
C LYS B 107 34.43 -1.65 11.32
N LYS B 108 34.03 -2.89 11.11
CA LYS B 108 34.12 -3.57 9.82
C LYS B 108 33.21 -2.91 8.77
N ASP B 109 32.15 -2.26 9.24
CA ASP B 109 31.20 -1.58 8.39
C ASP B 109 31.56 -0.08 8.25
N GLY B 110 32.68 0.31 8.85
CA GLY B 110 33.17 1.69 8.79
C GLY B 110 32.25 2.68 9.50
N LYS B 111 31.77 2.30 10.67
CA LYS B 111 30.89 3.14 11.48
C LYS B 111 31.56 3.50 12.81
N VAL B 112 31.09 4.56 13.45
CA VAL B 112 31.58 4.92 14.78
C VAL B 112 31.18 3.86 15.81
N GLN B 113 32.14 3.41 16.60
CA GLN B 113 31.87 2.44 17.67
C GLN B 113 31.43 3.11 18.96
N ALA B 114 30.66 2.38 19.77
CA ALA B 114 30.34 2.83 21.13
C ALA B 114 31.62 2.92 21.94
N THR B 115 31.70 3.93 22.81
CA THR B 115 32.93 4.17 23.57
C THR B 115 33.15 3.10 24.64
N ASN B 116 32.07 2.57 25.19
CA ASN B 116 32.14 1.52 26.20
C ASN B 116 31.68 0.19 25.65
N SER B 117 32.51 -0.82 25.85
CA SER B 117 32.31 -2.14 25.33
C SER B 117 31.91 -3.06 26.49
N PHE B 118 31.34 -4.22 26.16
CA PHE B 118 31.08 -5.27 27.15
C PHE B 118 30.99 -6.62 26.46
N SER B 119 31.39 -7.68 27.16
CA SER B 119 31.16 -9.03 26.65
C SER B 119 30.60 -9.91 27.76
N GLY B 120 30.07 -11.06 27.37
CA GLY B 120 29.45 -11.92 28.35
C GLY B 120 27.95 -11.88 28.20
N VAL B 121 27.37 -13.07 28.12
CA VAL B 121 25.93 -13.31 28.04
C VAL B 121 25.09 -12.32 28.87
N ASN B 122 25.46 -12.14 30.14
CA ASN B 122 24.73 -11.24 31.05
C ASN B 122 25.57 -10.04 31.47
N TYR B 123 24.98 -8.86 31.38
CA TYR B 123 25.69 -7.63 31.72
C TYR B 123 24.71 -6.61 32.32
N TRP B 124 25.12 -6.03 33.44
CA TRP B 124 24.35 -4.97 34.06
C TRP B 124 24.84 -3.62 33.54
N LEU B 125 23.98 -2.92 32.79
CA LEU B 125 24.25 -1.53 32.44
C LEU B 125 24.07 -0.66 33.68
N VAL B 126 22.97 -0.89 34.39
CA VAL B 126 22.68 -0.25 35.66
C VAL B 126 22.21 -1.37 36.61
N LYS B 127 23.01 -1.65 37.63
CA LYS B 127 22.74 -2.78 38.52
C LYS B 127 21.32 -2.72 39.06
N ASN B 128 20.64 -3.87 39.01
CA ASN B 128 19.24 -4.03 39.52
C ASN B 128 18.14 -3.41 38.66
N LYS B 129 18.51 -2.61 37.66
CA LYS B 129 17.53 -1.82 36.92
C LYS B 129 17.53 -2.04 35.40
N ILE B 130 18.72 -2.11 34.80
CA ILE B 130 18.84 -2.32 33.36
C ILE B 130 19.84 -3.43 33.08
N GLU B 131 19.32 -4.53 32.55
CA GLU B 131 20.10 -5.74 32.30
C GLU B 131 20.19 -6.05 30.79
N VAL B 132 21.33 -6.57 30.36
CA VAL B 132 21.55 -6.89 28.95
C VAL B 132 21.77 -8.39 28.79
N PHE B 133 21.14 -8.98 27.79
CA PHE B 133 21.23 -10.42 27.57
C PHE B 133 21.48 -10.77 26.11
N TYR B 134 22.48 -11.61 25.89
CA TYR B 134 22.77 -12.12 24.56
C TYR B 134 22.18 -13.53 24.41
N PRO B 135 21.06 -13.64 23.67
CA PRO B 135 20.45 -14.95 23.51
C PRO B 135 21.15 -15.80 22.44
N GLY B 136 22.13 -15.22 21.75
CA GLY B 136 22.78 -15.88 20.62
C GLY B 136 22.39 -15.20 19.30
N PRO B 137 23.09 -15.54 18.19
CA PRO B 137 22.78 -14.95 16.90
C PRO B 137 21.36 -15.26 16.46
N GLY B 138 20.75 -14.28 15.78
CA GLY B 138 19.43 -14.45 15.23
C GLY B 138 19.26 -13.46 14.11
N HIS B 139 18.62 -12.34 14.41
CA HIS B 139 18.47 -11.25 13.44
C HIS B 139 19.81 -10.77 12.88
N THR B 140 20.82 -10.74 13.76
CA THR B 140 22.19 -10.37 13.42
C THR B 140 23.10 -11.20 14.31
N PRO B 141 24.42 -11.25 14.01
CA PRO B 141 25.32 -12.05 14.86
C PRO B 141 25.39 -11.59 16.33
N ASP B 142 25.06 -10.33 16.56
CA ASP B 142 25.43 -9.65 17.79
C ASP B 142 24.25 -9.23 18.64
N ASN B 143 23.03 -9.52 18.17
CA ASN B 143 21.84 -8.94 18.77
C ASN B 143 21.68 -9.27 20.24
N VAL B 144 21.35 -8.25 21.04
CA VAL B 144 21.09 -8.43 22.46
C VAL B 144 19.73 -7.84 22.85
N VAL B 145 19.27 -8.23 24.04
CA VAL B 145 18.01 -7.72 24.56
C VAL B 145 18.26 -6.97 25.86
N VAL B 146 17.30 -6.14 26.21
CA VAL B 146 17.41 -5.35 27.42
C VAL B 146 16.23 -5.63 28.32
N TRP B 147 16.53 -5.96 29.58
CA TRP B 147 15.55 -6.39 30.56
C TRP B 147 15.46 -5.36 31.67
N LEU B 148 14.24 -4.97 32.00
CA LEU B 148 14.01 -4.03 33.08
C LEU B 148 13.32 -4.80 34.20
N PRO B 149 14.11 -5.40 35.11
CA PRO B 149 13.50 -6.30 36.10
C PRO B 149 12.43 -5.64 36.98
N GLU B 150 12.53 -4.33 37.22
CA GLU B 150 11.58 -3.67 38.11
C GLU B 150 10.17 -3.55 37.52
N ARG B 151 10.07 -3.43 36.19
CA ARG B 151 8.76 -3.34 35.53
C ARG B 151 8.42 -4.62 34.78
N LYS B 152 9.40 -5.52 34.70
CA LYS B 152 9.28 -6.76 33.96
C LYS B 152 9.00 -6.48 32.48
N ILE B 153 9.81 -5.58 31.91
CA ILE B 153 9.70 -5.19 30.50
C ILE B 153 10.93 -5.66 29.76
N LEU B 154 10.71 -6.33 28.63
CA LEU B 154 11.81 -6.73 27.77
C LEU B 154 11.80 -5.89 26.51
N PHE B 155 12.91 -5.22 26.23
CA PHE B 155 13.10 -4.60 24.93
C PHE B 155 13.78 -5.62 24.06
N GLY B 156 13.07 -6.13 23.05
CA GLY B 156 13.56 -7.24 22.23
C GLY B 156 14.34 -6.82 21.01
N GLY B 157 14.31 -5.52 20.69
CA GLY B 157 14.98 -5.02 19.51
C GLY B 157 14.46 -5.65 18.23
N CYS B 158 15.38 -5.91 17.30
CA CYS B 158 15.02 -6.44 16.00
C CYS B 158 15.08 -7.97 15.98
N PHE B 159 15.35 -8.55 17.16
CA PHE B 159 15.36 -10.00 17.34
C PHE B 159 13.93 -10.53 17.41
N ILE B 160 13.06 -9.80 18.11
CA ILE B 160 11.65 -10.18 18.28
C ILE B 160 10.85 -9.88 17.01
N LYS B 161 10.38 -10.94 16.36
CA LYS B 161 9.79 -10.83 15.03
C LYS B 161 8.57 -11.76 14.98
N PRO B 162 7.44 -11.26 15.50
CA PRO B 162 6.26 -12.10 15.70
C PRO B 162 5.53 -12.49 14.42
N TYR B 163 5.69 -11.68 13.37
CA TYR B 163 4.93 -11.89 12.16
C TYR B 163 5.76 -12.32 10.97
N GLY B 164 7.08 -12.32 11.16
CA GLY B 164 8.02 -12.61 10.09
C GLY B 164 9.36 -11.98 10.43
N LEU B 165 10.42 -12.57 9.90
CA LEU B 165 11.78 -12.28 10.34
C LEU B 165 12.37 -10.98 9.79
N GLY B 166 11.67 -10.35 8.86
CA GLY B 166 12.08 -9.09 8.26
C GLY B 166 13.39 -9.19 7.51
N ASN B 167 14.20 -8.14 7.60
CA ASN B 167 15.48 -8.06 6.89
C ASN B 167 16.49 -9.18 7.24
N LEU B 168 16.79 -10.03 6.26
CA LEU B 168 17.64 -11.20 6.49
C LEU B 168 19.07 -10.97 6.02
N GLY B 169 19.38 -9.73 5.64
CA GLY B 169 20.72 -9.36 5.17
C GLY B 169 21.86 -9.90 6.02
N ASP B 170 21.73 -9.80 7.34
CA ASP B 170 22.81 -10.22 8.24
C ASP B 170 22.36 -11.33 9.20
N ALA B 171 21.23 -11.98 8.90
CA ALA B 171 20.62 -12.96 9.83
C ALA B 171 21.36 -14.29 9.87
N ASN B 172 21.28 -14.96 11.01
CA ASN B 172 21.78 -16.33 11.15
C ASN B 172 20.56 -17.24 11.34
N ILE B 173 20.09 -17.80 10.22
CA ILE B 173 18.83 -18.55 10.19
C ILE B 173 18.97 -19.90 10.89
N GLU B 174 20.16 -20.49 10.77
CA GLU B 174 20.49 -21.75 11.44
C GLU B 174 20.44 -21.60 12.97
N ALA B 175 20.90 -20.47 13.48
CA ALA B 175 21.05 -20.30 14.92
C ALA B 175 19.84 -19.68 15.62
N TRP B 176 18.99 -18.98 14.86
CA TRP B 176 17.88 -18.17 15.42
C TRP B 176 16.88 -18.97 16.27
N PRO B 177 16.52 -20.21 15.85
CA PRO B 177 15.59 -20.99 16.70
C PRO B 177 16.10 -21.26 18.12
N LYS B 178 17.32 -21.79 18.24
CA LYS B 178 17.96 -22.00 19.54
C LYS B 178 18.08 -20.71 20.36
N SER B 179 18.49 -19.62 19.69
CA SER B 179 18.55 -18.30 20.34
C SER B 179 17.20 -17.86 20.88
N ALA B 180 16.15 -18.07 20.06
CA ALA B 180 14.76 -17.72 20.42
C ALA B 180 14.20 -18.60 21.54
N LYS B 181 14.55 -19.88 21.51
CA LYS B 181 14.17 -20.82 22.58
C LYS B 181 14.82 -20.43 23.88
N LEU B 182 16.11 -20.09 23.81
CA LEU B 182 16.83 -19.59 24.98
C LEU B 182 16.18 -18.31 25.53
N LEU B 183 15.83 -17.39 24.64
CA LEU B 183 15.16 -16.15 25.06
C LEU B 183 13.80 -16.41 25.72
N LYS B 184 12.99 -17.26 25.12
CA LYS B 184 11.70 -17.64 25.72
C LYS B 184 11.86 -18.23 27.13
N SER B 185 12.84 -19.11 27.33
CA SER B 185 13.09 -19.72 28.66
C SER B 185 13.34 -18.68 29.73
N LYS B 186 14.20 -17.72 29.42
CA LYS B 186 14.62 -16.75 30.41
C LYS B 186 13.52 -15.76 30.77
N TYR B 187 12.77 -15.31 29.77
CA TYR B 187 11.92 -14.13 29.97
C TYR B 187 10.42 -14.38 29.96
N GLY B 188 10.03 -15.64 30.18
CA GLY B 188 8.63 -16.05 30.17
C GLY B 188 7.75 -15.26 31.12
N LYS B 189 8.35 -14.70 32.18
CA LYS B 189 7.63 -13.90 33.18
C LYS B 189 7.48 -12.43 32.78
N ALA B 190 7.87 -12.08 31.56
CA ALA B 190 7.79 -10.70 31.09
C ALA B 190 6.34 -10.24 30.97
N LYS B 191 6.08 -9.04 31.48
CA LYS B 191 4.77 -8.39 31.36
C LYS B 191 4.61 -7.75 29.97
N LEU B 192 5.67 -7.12 29.47
CA LEU B 192 5.62 -6.45 28.17
C LEU B 192 6.86 -6.78 27.34
N VAL B 193 6.66 -7.02 26.05
CA VAL B 193 7.79 -7.22 25.15
C VAL B 193 7.72 -6.18 24.04
N VAL B 194 8.75 -5.34 23.97
CA VAL B 194 8.83 -4.25 23.01
C VAL B 194 9.72 -4.62 21.84
N PRO B 195 9.13 -4.84 20.66
CA PRO B 195 9.94 -5.10 19.47
C PRO B 195 10.37 -3.81 18.80
N SER B 196 11.40 -3.90 17.98
CA SER B 196 11.84 -2.77 17.18
C SER B 196 10.82 -2.40 16.12
N HIS B 197 10.27 -3.39 15.41
CA HIS B 197 9.56 -3.13 14.15
C HIS B 197 8.07 -3.54 14.13
N SER B 198 7.51 -3.79 15.31
CA SER B 198 6.09 -4.03 15.45
C SER B 198 5.69 -3.62 16.85
N GLU B 199 4.40 -3.71 17.16
CA GLU B 199 3.86 -3.05 18.36
C GLU B 199 4.14 -3.82 19.65
N VAL B 200 3.99 -3.12 20.78
CA VAL B 200 4.19 -3.72 22.09
C VAL B 200 3.17 -4.86 22.30
N GLY B 201 3.64 -5.97 22.86
CA GLY B 201 2.79 -7.13 23.18
C GLY B 201 3.25 -7.69 24.51
N ASP B 202 2.70 -8.84 24.90
CA ASP B 202 3.14 -9.47 26.13
C ASP B 202 4.10 -10.62 25.85
N ALA B 203 4.36 -11.44 26.87
CA ALA B 203 5.33 -12.55 26.79
C ALA B 203 5.07 -13.45 25.60
N SER B 204 3.84 -13.48 25.11
CA SER B 204 3.50 -14.34 23.98
C SER B 204 4.36 -14.06 22.74
N LEU B 205 4.89 -12.84 22.62
CA LEU B 205 5.75 -12.48 21.48
C LEU B 205 7.03 -13.32 21.38
N LEU B 206 7.49 -13.82 22.54
CA LEU B 206 8.63 -14.73 22.59
C LEU B 206 8.34 -16.03 21.84
N LYS B 207 7.18 -16.62 22.13
CA LYS B 207 6.69 -17.84 21.46
C LYS B 207 6.57 -17.65 19.95
N LEU B 208 5.93 -16.54 19.55
CA LEU B 208 5.73 -16.21 18.13
C LEU B 208 7.03 -16.04 17.35
N THR B 209 8.03 -15.43 17.99
CA THR B 209 9.37 -15.28 17.41
C THR B 209 10.03 -16.65 17.21
N LEU B 210 9.95 -17.50 18.24
CA LEU B 210 10.42 -18.89 18.11
C LEU B 210 9.78 -19.58 16.90
N GLU B 211 8.45 -19.53 16.81
CA GLU B 211 7.70 -20.09 15.67
C GLU B 211 8.19 -19.57 14.32
N GLN B 212 8.39 -18.25 14.23
CA GLN B 212 8.85 -17.64 12.98
C GLN B 212 10.29 -18.02 12.63
N ALA B 213 11.12 -18.19 13.65
CA ALA B 213 12.50 -18.67 13.47
C ALA B 213 12.52 -20.12 13.00
N VAL B 214 11.74 -20.98 13.66
CA VAL B 214 11.60 -22.37 13.24
C VAL B 214 11.09 -22.44 11.79
N LYS B 215 10.02 -21.69 11.51
CA LYS B 215 9.45 -21.62 10.17
C LYS B 215 10.46 -21.13 9.13
N GLY B 216 11.26 -20.12 9.48
CA GLY B 216 12.28 -19.60 8.57
C GLY B 216 13.38 -20.59 8.22
N LEU B 217 13.85 -21.35 9.21
CA LEU B 217 14.86 -22.38 8.99
C LEU B 217 14.29 -23.48 8.08
N ASN B 218 13.07 -23.93 8.38
CA ASN B 218 12.35 -24.88 7.53
C ASN B 218 12.40 -24.56 6.05
N GLU B 219 11.91 -23.38 5.69
CA GLU B 219 11.92 -22.91 4.31
C GLU B 219 13.33 -22.67 3.82
ZN ZN C . -20.60 -6.21 -20.92
ZN ZN D . -21.09 -4.17 -23.75
O12 C93 E . -25.84 -5.72 -23.78
C10 C93 E . -24.61 -5.79 -23.71
O11 C93 E . -23.99 -5.17 -22.82
C1 C93 E . -23.84 -6.61 -24.74
C6 C93 E . -24.42 -6.82 -25.99
C5 C93 E . -23.74 -7.56 -26.97
C4 C93 E . -22.47 -8.10 -26.68
C3 C93 E . -21.89 -7.89 -25.43
C2 C93 E . -22.57 -7.14 -24.46
C7 C93 E . -21.93 -6.97 -23.13
O9 C93 E . -22.26 -7.79 -22.24
O8 C93 E . -21.11 -6.02 -22.92
N13 C93 E . -20.61 -8.43 -25.07
C18 C93 E . -19.57 -8.13 -26.07
C17 C93 E . -18.22 -8.45 -25.45
C16 C93 E . -18.14 -9.94 -25.13
O19 C93 E . -16.92 -10.15 -24.40
C15 C93 E . -19.33 -10.40 -24.27
C14 C93 E . -20.67 -9.88 -24.79
ZN ZN F . 18.73 -4.89 12.27
ZN ZN G . 15.72 -3.11 13.00
O12 C93 H . 13.50 -6.64 9.77
C10 C93 H . 14.23 -5.76 10.28
O11 C93 H . 14.74 -5.95 11.39
C1 C93 H . 14.46 -4.49 9.53
C6 C93 H . 13.43 -3.96 8.73
C5 C93 H . 13.60 -2.77 8.02
C4 C93 H . 14.82 -2.09 8.11
C3 C93 H . 15.85 -2.62 8.90
C2 C93 H . 15.67 -3.80 9.62
C7 C93 H . 16.84 -4.31 10.42
O9 C93 H . 17.62 -5.11 9.85
O8 C93 H . 17.03 -3.91 11.58
N13 C93 H . 17.11 -2.00 9.03
C18 C93 H . 16.99 -0.57 9.37
C17 C93 H . 18.37 0.05 9.61
C16 C93 H . 19.28 -0.23 8.41
O19 C93 H . 20.61 0.23 8.69
C15 C93 H . 19.34 -1.73 8.14
C14 C93 H . 17.94 -2.25 7.83
#